data_4F0Z
#
_entry.id   4F0Z
#
_cell.length_a   72.691
_cell.length_b   48.976
_cell.length_c   82.442
_cell.angle_alpha   90.00
_cell.angle_beta   104.37
_cell.angle_gamma   90.00
#
_symmetry.space_group_name_H-M   'P 1 21 1'
#
loop_
_entity.id
_entity.type
_entity.pdbx_description
1 polymer 'Serine/threonine-protein phosphatase 2B catalytic subunit alpha isoform'
2 polymer 'Calcineurin subunit B type 1'
3 polymer 'Ankyrin repeat domain-containing protein A238L'
4 non-polymer GLYCEROL
5 non-polymer 'CALCIUM ION'
6 water water
#
loop_
_entity_poly.entity_id
_entity_poly.type
_entity_poly.pdbx_seq_one_letter_code
_entity_poly.pdbx_strand_id
1 'polypeptide(L)'
;GHMSEPKAIDPKLSTTDRVVKAVPFPPSHRLTAKEVFDNDGKPRVDILKAHLMKEGRLEESVALRIITEGASILRQEKNL
LDIDAPVTVCGDIHGQFFDLMKLFEVGGSPANTRYLFLGDYVDRGYFSIECVLYLWALKILYPKTLFLLRGNHECRHLTE
YFTFKQECKIKYSERVYDACMDAFDCLPLAALMNQQFLCVHGGLSPEINTLDDIRKLDRFKEPPAYGPMCDILWSDPLED
FGNEKTQEHFTHNTVRGCSYFYSYPAVCEFLQHNNLLSILRAHEAQDAGYRMYRKSQTTGFPSLITIFSAPNYLDVYNNK
AAVLKYENNVMNIRQFNCSPHPYWLPNFMDVFTWSLPFVGEKVTEMLVNVLN
;
A
2 'polypeptide(L)'
;MGNEASYPLEMCSHFDADEIKRLGKRFKKLDLDNSGSLSVEEFMSLPELQQNPLVQRVIDIFDTDGNGEVDFKEFIEGVS
QFSVKGDKEQKLRFAFRIYDMDKDGYISNGELFQVLKMMVGNNLKDTQLQQIVDKTIINADKDGDGRISFEEFCAVVGGL
DIHKKMVVDV
;
B
3 'polypeptide(L)' GHMRRFKKKPKIIITGCEDNVYEKLPEQNSNFLCVKKLNKYGK C
#
# COMPACT_ATOMS: atom_id res chain seq x y z
N THR A 16 24.38 -1.69 -15.70
CA THR A 16 24.34 -2.36 -14.40
C THR A 16 24.09 -3.86 -14.61
N ASP A 17 23.78 -4.57 -13.54
CA ASP A 17 23.50 -5.99 -13.63
C ASP A 17 22.02 -6.29 -13.31
N ARG A 18 21.20 -5.24 -13.38
CA ARG A 18 19.77 -5.37 -13.15
C ARG A 18 19.14 -6.34 -14.15
N VAL A 19 18.35 -7.28 -13.65
CA VAL A 19 17.94 -8.44 -14.43
C VAL A 19 16.70 -8.16 -15.28
N VAL A 20 15.70 -7.49 -14.71
CA VAL A 20 14.41 -7.30 -15.37
C VAL A 20 14.17 -5.87 -15.83
N LYS A 21 14.40 -5.56 -17.10
CA LYS A 21 14.12 -4.21 -17.62
C LYS A 21 12.67 -4.04 -18.08
N ALA A 22 11.88 -5.10 -17.92
CA ALA A 22 10.47 -5.06 -18.31
C ALA A 22 9.59 -4.25 -17.35
N VAL A 23 10.18 -3.76 -16.26
CA VAL A 23 9.52 -2.80 -15.39
C VAL A 23 10.41 -1.58 -15.20
N PRO A 24 9.79 -0.41 -15.07
CA PRO A 24 10.59 0.80 -14.89
C PRO A 24 11.32 0.83 -13.54
N PHE A 25 12.48 1.48 -13.50
CA PHE A 25 13.20 1.67 -12.26
C PHE A 25 12.80 3.04 -11.73
N PRO A 26 12.22 3.10 -10.53
CA PRO A 26 11.73 4.40 -10.06
C PRO A 26 12.86 5.43 -9.88
N PRO A 27 12.55 6.70 -10.12
CA PRO A 27 13.53 7.78 -9.87
C PRO A 27 13.86 7.89 -8.39
N SER A 28 15.14 8.07 -8.07
CA SER A 28 15.54 8.28 -6.67
C SER A 28 15.59 9.76 -6.30
N HIS A 29 15.74 10.63 -7.30
CA HIS A 29 15.71 12.06 -7.07
C HIS A 29 14.40 12.52 -6.42
N ARG A 30 14.51 13.28 -5.34
CA ARG A 30 13.34 13.86 -4.68
C ARG A 30 13.09 15.26 -5.22
N LEU A 31 11.89 15.49 -5.77
CA LEU A 31 11.59 16.76 -6.38
C LEU A 31 11.72 17.90 -5.37
N THR A 32 12.37 18.98 -5.78
CA THR A 32 12.56 20.15 -4.94
C THR A 32 11.42 21.15 -5.09
N ALA A 33 11.41 22.16 -4.24
CA ALA A 33 10.38 23.19 -4.28
C ALA A 33 10.38 23.90 -5.63
N LYS A 34 11.57 24.16 -6.16
CA LYS A 34 11.73 24.80 -7.46
C LYS A 34 11.13 23.97 -8.59
N GLU A 35 11.21 22.65 -8.46
CA GLU A 35 10.67 21.76 -9.47
C GLU A 35 9.16 21.57 -9.36
N VAL A 36 8.61 21.69 -8.16
CA VAL A 36 7.20 21.42 -7.92
C VAL A 36 6.31 22.68 -7.99
N PHE A 37 6.87 23.82 -7.60
CA PHE A 37 6.08 25.06 -7.55
C PHE A 37 6.63 26.09 -8.51
N ASP A 38 5.75 26.68 -9.31
CA ASP A 38 6.21 27.71 -10.22
C ASP A 38 6.46 29.01 -9.44
N ASN A 39 6.97 30.02 -10.13
CA ASN A 39 7.38 31.26 -9.47
C ASN A 39 6.27 31.96 -8.70
N ASP A 40 5.02 31.64 -9.05
CA ASP A 40 3.87 32.28 -8.44
C ASP A 40 3.20 31.39 -7.39
N GLY A 41 3.86 30.31 -7.00
CA GLY A 41 3.35 29.46 -5.95
C GLY A 41 2.35 28.41 -6.43
N LYS A 42 2.19 28.29 -7.75
CA LYS A 42 1.26 27.31 -8.30
C LYS A 42 1.95 25.95 -8.40
N PRO A 43 1.31 24.89 -7.88
CA PRO A 43 1.87 23.55 -8.07
C PRO A 43 1.88 23.18 -9.55
N ARG A 44 2.98 22.58 -10.00
CA ARG A 44 3.08 22.07 -11.36
C ARG A 44 2.51 20.67 -11.33
N VAL A 45 1.20 20.57 -11.51
CA VAL A 45 0.55 19.28 -11.29
C VAL A 45 0.91 18.26 -12.37
N ASP A 46 1.29 18.71 -13.56
CA ASP A 46 1.71 17.75 -14.59
C ASP A 46 3.03 17.06 -14.23
N ILE A 47 4.00 17.80 -13.71
CA ILE A 47 5.26 17.23 -13.22
CA ILE A 47 5.24 17.16 -13.29
C ILE A 47 4.99 16.29 -12.06
N LEU A 48 4.13 16.73 -11.16
CA LEU A 48 3.75 15.92 -10.00
CA LEU A 48 3.78 15.93 -10.00
C LEU A 48 3.12 14.61 -10.42
N LYS A 49 2.15 14.68 -11.32
CA LYS A 49 1.50 13.48 -11.82
C LYS A 49 2.54 12.52 -12.38
N ALA A 50 3.42 13.02 -13.26
CA ALA A 50 4.38 12.12 -13.92
C ALA A 50 5.35 11.49 -12.91
N HIS A 51 5.83 12.28 -11.96
CA HIS A 51 6.82 11.81 -10.99
C HIS A 51 6.17 10.78 -10.06
N LEU A 52 4.98 11.08 -9.56
CA LEU A 52 4.29 10.16 -8.66
C LEU A 52 3.91 8.86 -9.35
N MET A 53 3.53 8.92 -10.63
CA MET A 53 3.17 7.70 -11.37
C MET A 53 4.39 6.81 -11.55
N LYS A 54 5.59 7.41 -11.51
CA LYS A 54 6.83 6.65 -11.54
C LYS A 54 7.29 6.17 -10.16
N GLU A 55 6.44 6.37 -9.15
CA GLU A 55 6.78 6.10 -7.74
C GLU A 55 7.91 6.98 -7.23
N GLY A 56 8.08 8.14 -7.85
CA GLY A 56 9.03 9.12 -7.38
C GLY A 56 8.50 9.82 -6.14
N ARG A 57 9.43 10.31 -5.33
CA ARG A 57 9.08 11.04 -4.13
C ARG A 57 9.45 12.52 -4.22
N LEU A 58 8.82 13.31 -3.35
CA LEU A 58 9.17 14.71 -3.21
C LEU A 58 10.14 14.85 -2.04
N GLU A 59 10.88 15.95 -1.99
CA GLU A 59 11.56 16.30 -0.75
C GLU A 59 10.51 16.42 0.33
N GLU A 60 10.85 16.02 1.54
CA GLU A 60 9.86 16.01 2.62
C GLU A 60 9.28 17.41 2.86
N SER A 61 10.12 18.43 2.78
CA SER A 61 9.67 19.80 3.01
C SER A 61 8.65 20.21 1.95
N VAL A 62 8.77 19.66 0.75
CA VAL A 62 7.86 19.98 -0.34
C VAL A 62 6.51 19.29 -0.13
N ALA A 63 6.55 18.03 0.27
CA ALA A 63 5.34 17.31 0.61
C ALA A 63 4.62 18.02 1.75
N LEU A 64 5.35 18.42 2.77
CA LEU A 64 4.75 19.14 3.89
C LEU A 64 4.09 20.45 3.42
N ARG A 65 4.75 21.14 2.49
CA ARG A 65 4.19 22.38 1.96
C ARG A 65 2.87 22.15 1.21
N ILE A 66 2.80 21.14 0.35
CA ILE A 66 1.56 20.79 -0.33
C ILE A 66 0.44 20.47 0.67
N ILE A 67 0.77 19.66 1.68
CA ILE A 67 -0.24 19.20 2.61
C ILE A 67 -0.76 20.37 3.44
N THR A 68 0.15 21.21 3.92
CA THR A 68 -0.24 22.32 4.78
C THR A 68 -0.94 23.44 4.02
N GLU A 69 -0.51 23.72 2.79
CA GLU A 69 -1.20 24.72 1.98
C GLU A 69 -2.62 24.26 1.64
N GLY A 70 -2.77 22.98 1.29
CA GLY A 70 -4.10 22.45 1.05
C GLY A 70 -4.97 22.57 2.29
N ALA A 71 -4.42 22.19 3.43
CA ALA A 71 -5.13 22.28 4.71
C ALA A 71 -5.62 23.72 4.98
N SER A 72 -4.79 24.71 4.65
CA SER A 72 -5.16 26.09 4.90
C SER A 72 -6.39 26.49 4.11
N ILE A 73 -6.49 25.97 2.89
CA ILE A 73 -7.64 26.25 2.04
C ILE A 73 -8.88 25.52 2.59
N LEU A 74 -8.70 24.25 2.92
CA LEU A 74 -9.82 23.44 3.46
C LEU A 74 -10.38 24.04 4.75
N ARG A 75 -9.48 24.56 5.58
CA ARG A 75 -9.83 25.12 6.86
C ARG A 75 -10.80 26.31 6.73
N GLN A 76 -10.74 27.02 5.60
CA GLN A 76 -11.62 28.16 5.37
C GLN A 76 -12.99 27.77 4.83
N GLU A 77 -13.15 26.50 4.43
CA GLU A 77 -14.41 26.05 3.86
C GLU A 77 -15.41 25.71 4.95
N LYS A 78 -16.69 25.77 4.61
CA LYS A 78 -17.76 25.44 5.54
C LYS A 78 -17.87 23.92 5.70
N ASN A 79 -18.52 23.48 6.77
CA ASN A 79 -18.81 22.06 6.99
C ASN A 79 -19.60 21.51 5.81
N LEU A 80 -20.56 22.31 5.36
CA LEU A 80 -21.46 21.95 4.27
C LEU A 80 -21.17 22.85 3.09
N LEU A 81 -20.57 22.29 2.04
CA LEU A 81 -20.21 23.05 0.86
C LEU A 81 -21.40 23.23 -0.04
N ASP A 82 -21.47 24.36 -0.74
CA ASP A 82 -22.43 24.53 -1.82
C ASP A 82 -21.69 24.35 -3.15
N ILE A 83 -22.06 23.33 -3.91
CA ILE A 83 -21.40 23.05 -5.17
C ILE A 83 -22.45 22.90 -6.27
N ASP A 84 -22.32 23.65 -7.35
CA ASP A 84 -23.32 23.52 -8.40
C ASP A 84 -22.84 22.68 -9.56
N ALA A 85 -23.78 22.13 -10.32
CA ALA A 85 -23.47 21.44 -11.55
C ALA A 85 -23.00 22.48 -12.55
N PRO A 86 -22.19 22.06 -13.54
CA PRO A 86 -21.76 20.68 -13.74
C PRO A 86 -20.69 20.26 -12.73
N VAL A 87 -20.74 19.00 -12.30
CA VAL A 87 -19.75 18.49 -11.37
C VAL A 87 -19.63 16.97 -11.49
N THR A 88 -18.41 16.48 -11.33
CA THR A 88 -18.15 15.05 -11.25
C THR A 88 -17.95 14.64 -9.81
N VAL A 89 -18.80 13.72 -9.36
CA VAL A 89 -18.82 13.27 -7.98
C VAL A 89 -18.21 11.88 -7.90
N CYS A 90 -17.28 11.71 -6.95
CA CYS A 90 -16.46 10.51 -6.88
C CYS A 90 -16.49 9.91 -5.49
N GLY A 91 -16.50 8.57 -5.43
CA GLY A 91 -16.51 7.87 -4.16
C GLY A 91 -15.11 7.40 -3.79
N ASP A 92 -15.05 6.32 -3.02
CA ASP A 92 -13.81 5.87 -2.39
C ASP A 92 -12.69 5.65 -3.41
N ILE A 93 -11.47 6.06 -3.04
CA ILE A 93 -10.28 5.87 -3.85
C ILE A 93 -9.33 4.88 -3.19
N HIS A 94 -9.24 4.93 -1.87
CA HIS A 94 -8.44 3.99 -1.10
C HIS A 94 -7.05 3.74 -1.65
N GLY A 95 -6.32 4.82 -1.91
CA GLY A 95 -4.89 4.71 -2.18
C GLY A 95 -4.56 4.12 -3.52
N GLN A 96 -5.55 3.97 -4.40
CA GLN A 96 -5.34 3.38 -5.72
C GLN A 96 -5.00 4.46 -6.72
N PHE A 97 -3.79 4.98 -6.57
CA PHE A 97 -3.34 6.14 -7.31
C PHE A 97 -3.45 5.95 -8.81
N PHE A 98 -3.16 4.73 -9.28
CA PHE A 98 -3.13 4.48 -10.72
C PHE A 98 -4.52 4.40 -11.29
N ASP A 99 -5.50 4.12 -10.44
CA ASP A 99 -6.90 4.22 -10.82
C ASP A 99 -7.42 5.66 -10.72
N LEU A 100 -6.88 6.43 -9.79
CA LEU A 100 -7.23 7.83 -9.72
C LEU A 100 -6.84 8.51 -11.04
N MET A 101 -5.74 8.06 -11.64
CA MET A 101 -5.29 8.67 -12.90
C MET A 101 -6.33 8.43 -14.00
N LYS A 102 -6.87 7.22 -14.05
CA LYS A 102 -7.91 6.91 -15.02
C LYS A 102 -9.22 7.64 -14.69
N LEU A 103 -9.52 7.76 -13.40
CA LEU A 103 -10.70 8.48 -12.94
C LEU A 103 -10.79 9.88 -13.55
N PHE A 104 -9.68 10.61 -13.55
CA PHE A 104 -9.70 11.96 -14.11
C PHE A 104 -9.90 11.96 -15.63
N GLU A 105 -9.43 10.92 -16.30
CA GLU A 105 -9.66 10.78 -17.75
C GLU A 105 -11.13 10.53 -18.04
N VAL A 106 -11.79 9.77 -17.18
CA VAL A 106 -13.21 9.47 -17.34
C VAL A 106 -14.09 10.65 -16.92
N GLY A 107 -13.71 11.36 -15.87
CA GLY A 107 -14.54 12.40 -15.30
C GLY A 107 -14.35 13.79 -15.90
N GLY A 108 -13.23 13.98 -16.60
CA GLY A 108 -12.89 15.28 -17.19
C GLY A 108 -11.70 15.90 -16.48
N SER A 109 -10.89 16.68 -17.20
CA SER A 109 -9.74 17.34 -16.59
C SER A 109 -10.14 18.35 -15.51
N PRO A 110 -9.45 18.33 -14.35
CA PRO A 110 -9.84 19.27 -13.31
C PRO A 110 -9.61 20.73 -13.72
N ALA A 111 -8.87 20.96 -14.80
CA ALA A 111 -8.64 22.33 -15.26
C ALA A 111 -9.94 22.95 -15.76
N ASN A 112 -10.90 22.11 -16.15
CA ASN A 112 -12.15 22.60 -16.71
C ASN A 112 -13.37 21.80 -16.24
N THR A 113 -13.23 21.10 -15.11
CA THR A 113 -14.28 20.27 -14.57
C THR A 113 -14.34 20.46 -13.06
N ARG A 114 -15.52 20.75 -12.53
CA ARG A 114 -15.71 20.78 -11.07
C ARG A 114 -15.73 19.35 -10.55
N TYR A 115 -15.07 19.13 -9.41
CA TYR A 115 -15.01 17.82 -8.79
C TYR A 115 -15.48 17.86 -7.36
N LEU A 116 -16.17 16.79 -6.95
CA LEU A 116 -16.48 16.52 -5.54
C LEU A 116 -16.09 15.10 -5.22
N PHE A 117 -15.13 14.94 -4.31
CA PHE A 117 -14.73 13.63 -3.82
C PHE A 117 -15.35 13.41 -2.46
N LEU A 118 -15.86 12.21 -2.23
CA LEU A 118 -16.61 11.93 -1.00
C LEU A 118 -15.80 11.29 0.12
N GLY A 119 -14.48 11.25 -0.02
CA GLY A 119 -13.60 10.81 1.04
C GLY A 119 -12.98 9.45 0.78
N ASP A 120 -12.31 8.93 1.80
CA ASP A 120 -11.57 7.66 1.71
C ASP A 120 -10.51 7.71 0.59
N TYR A 121 -9.56 8.62 0.77
CA TYR A 121 -8.40 8.78 -0.11
C TYR A 121 -7.34 7.75 0.20
N VAL A 122 -7.32 7.29 1.46
CA VAL A 122 -6.21 6.50 1.96
C VAL A 122 -6.63 5.13 2.49
N ASP A 123 -5.62 4.31 2.79
CA ASP A 123 -5.74 2.95 3.31
C ASP A 123 -6.10 1.94 2.21
N ARG A 124 -5.72 0.69 2.45
CA ARG A 124 -5.96 -0.43 1.54
C ARG A 124 -5.02 -0.43 0.34
N GLY A 125 -5.10 0.60 -0.48
CA GLY A 125 -4.13 0.79 -1.54
C GLY A 125 -2.82 1.35 -1.01
N TYR A 126 -1.72 0.97 -1.65
CA TYR A 126 -0.38 1.31 -1.16
C TYR A 126 0.22 2.54 -1.83
N PHE A 127 -0.64 3.36 -2.46
CA PHE A 127 -0.24 4.65 -3.01
C PHE A 127 -1.12 5.76 -2.43
N SER A 128 -1.40 5.65 -1.13
CA SER A 128 -2.25 6.62 -0.45
C SER A 128 -1.61 8.00 -0.37
N ILE A 129 -0.31 8.07 -0.13
CA ILE A 129 0.32 9.38 0.02
C ILE A 129 0.38 10.08 -1.34
N GLU A 130 0.50 9.30 -2.41
CA GLU A 130 0.47 9.88 -3.76
C GLU A 130 -0.92 10.45 -4.04
N CYS A 131 -1.97 9.72 -3.66
CA CYS A 131 -3.32 10.24 -3.79
C CYS A 131 -3.48 11.57 -3.03
N VAL A 132 -3.02 11.62 -1.78
CA VAL A 132 -3.16 12.82 -0.98
C VAL A 132 -2.38 13.97 -1.57
N LEU A 133 -1.13 13.72 -1.92
CA LEU A 133 -0.30 14.81 -2.46
C LEU A 133 -0.88 15.36 -3.77
N TYR A 134 -1.34 14.50 -4.65
CA TYR A 134 -1.84 14.95 -5.93
C TYR A 134 -3.17 15.71 -5.77
N LEU A 135 -4.09 15.17 -4.99
CA LEU A 135 -5.37 15.82 -4.75
C LEU A 135 -5.20 17.15 -4.03
N TRP A 136 -4.29 17.20 -3.04
CA TRP A 136 -4.02 18.45 -2.34
C TRP A 136 -3.39 19.47 -3.29
N ALA A 137 -2.49 19.03 -4.16
CA ALA A 137 -1.93 19.94 -5.16
C ALA A 137 -3.02 20.50 -6.07
N LEU A 138 -3.94 19.63 -6.48
CA LEU A 138 -5.05 20.07 -7.32
C LEU A 138 -5.95 21.05 -6.56
N LYS A 139 -6.14 20.82 -5.26
CA LYS A 139 -6.94 21.73 -4.44
C LYS A 139 -6.32 23.13 -4.39
N ILE A 140 -5.00 23.17 -4.27
CA ILE A 140 -4.27 24.44 -4.24
C ILE A 140 -4.43 25.16 -5.57
N LEU A 141 -4.35 24.40 -6.66
CA LEU A 141 -4.42 24.97 -8.00
C LEU A 141 -5.85 25.38 -8.36
N TYR A 142 -6.83 24.59 -7.93
CA TYR A 142 -8.22 24.79 -8.30
C TYR A 142 -9.10 24.88 -7.05
N PRO A 143 -8.84 25.87 -6.19
CA PRO A 143 -9.50 25.91 -4.88
C PRO A 143 -11.02 26.08 -4.95
N LYS A 144 -11.52 26.65 -6.04
CA LYS A 144 -12.96 26.91 -6.17
C LYS A 144 -13.73 25.91 -7.03
N THR A 145 -13.04 24.90 -7.56
CA THR A 145 -13.69 23.93 -8.43
C THR A 145 -13.45 22.46 -8.06
N LEU A 146 -12.40 22.19 -7.29
CA LEU A 146 -12.12 20.83 -6.85
C LEU A 146 -12.37 20.74 -5.35
N PHE A 147 -13.27 19.85 -4.95
CA PHE A 147 -13.69 19.76 -3.57
C PHE A 147 -13.50 18.36 -2.99
N LEU A 148 -13.11 18.33 -1.72
CA LEU A 148 -12.75 17.11 -1.00
C LEU A 148 -13.52 17.07 0.30
N LEU A 149 -14.25 15.98 0.52
CA LEU A 149 -14.90 15.71 1.80
C LEU A 149 -14.13 14.68 2.59
N ARG A 150 -14.46 14.60 3.87
CA ARG A 150 -13.83 13.64 4.77
C ARG A 150 -14.57 12.31 4.70
N GLY A 151 -13.80 11.23 4.63
CA GLY A 151 -14.34 9.89 4.80
C GLY A 151 -13.93 9.29 6.12
N ASN A 152 -14.42 8.11 6.46
CA ASN A 152 -14.11 7.57 7.77
C ASN A 152 -12.63 7.16 7.92
N HIS A 153 -11.93 6.93 6.81
CA HIS A 153 -10.51 6.60 6.87
C HIS A 153 -9.60 7.81 7.05
N GLU A 154 -10.13 9.01 6.86
CA GLU A 154 -9.32 10.21 7.06
C GLU A 154 -9.26 10.57 8.54
N CYS A 155 -8.63 9.70 9.31
CA CYS A 155 -8.46 9.93 10.73
C CYS A 155 -7.25 9.15 11.26
N ARG A 156 -6.86 9.47 12.49
CA ARG A 156 -5.72 8.81 13.14
C ARG A 156 -6.03 7.34 13.44
N HIS A 157 -7.22 7.08 13.96
CA HIS A 157 -7.58 5.74 14.42
C HIS A 157 -7.43 4.70 13.30
N LEU A 158 -8.06 4.94 12.16
CA LEU A 158 -8.02 3.96 11.08
C LEU A 158 -6.65 3.91 10.38
N THR A 159 -5.99 5.04 10.24
CA THR A 159 -4.73 5.07 9.48
C THR A 159 -3.58 4.41 10.25
N GLU A 160 -3.71 4.35 11.58
CA GLU A 160 -2.73 3.61 12.39
C GLU A 160 -3.04 2.11 12.37
N TYR A 161 -4.31 1.75 12.20
CA TYR A 161 -4.72 0.34 12.17
C TYR A 161 -4.43 -0.26 10.79
N PHE A 162 -4.83 0.46 9.76
CA PHE A 162 -4.53 0.07 8.38
C PHE A 162 -3.13 0.57 8.05
N THR A 163 -2.81 0.81 6.78
CA THR A 163 -1.40 0.98 6.42
C THR A 163 -0.92 2.40 6.13
N PHE A 164 -1.79 3.41 6.21
CA PHE A 164 -1.36 4.76 5.81
C PHE A 164 -0.22 5.29 6.68
N LYS A 165 -0.25 5.02 7.97
CA LYS A 165 0.78 5.57 8.86
C LYS A 165 2.12 4.93 8.50
N GLN A 166 2.11 3.62 8.27
CA GLN A 166 3.32 2.91 7.89
C GLN A 166 3.80 3.40 6.53
N GLU A 167 2.86 3.66 5.61
CA GLU A 167 3.21 4.15 4.28
C GLU A 167 3.98 5.47 4.38
N CYS A 168 3.46 6.38 5.19
CA CYS A 168 4.13 7.65 5.42
C CYS A 168 5.51 7.44 6.04
N LYS A 169 5.60 6.52 7.00
CA LYS A 169 6.86 6.24 7.69
C LYS A 169 7.96 5.78 6.72
N ILE A 170 7.59 4.90 5.80
CA ILE A 170 8.56 4.30 4.89
C ILE A 170 8.91 5.23 3.72
N LYS A 171 7.92 5.93 3.19
CA LYS A 171 8.16 6.79 2.03
C LYS A 171 8.65 8.18 2.41
N TYR A 172 8.14 8.69 3.53
CA TYR A 172 8.46 10.03 4.00
C TYR A 172 8.88 9.93 5.47
N SER A 173 8.08 10.50 6.36
CA SER A 173 8.28 10.30 7.78
C SER A 173 6.96 10.56 8.50
N GLU A 174 6.94 10.31 9.81
CA GLU A 174 5.76 10.59 10.61
C GLU A 174 5.40 12.09 10.62
N ARG A 175 6.34 12.96 10.26
CA ARG A 175 6.01 14.38 10.12
C ARG A 175 4.98 14.58 9.02
N VAL A 176 5.15 13.87 7.91
CA VAL A 176 4.17 13.95 6.81
C VAL A 176 2.83 13.35 7.25
N TYR A 177 2.87 12.24 7.99
CA TYR A 177 1.67 11.64 8.54
C TYR A 177 0.89 12.64 9.41
N ASP A 178 1.59 13.32 10.32
CA ASP A 178 0.96 14.27 11.25
C ASP A 178 0.34 15.44 10.49
N ALA A 179 1.04 15.89 9.45
CA ALA A 179 0.52 16.97 8.61
C ALA A 179 -0.77 16.53 7.94
N CYS A 180 -0.80 15.30 7.46
CA CYS A 180 -2.02 14.75 6.87
C CYS A 180 -3.13 14.67 7.91
N MET A 181 -2.82 14.28 9.14
CA MET A 181 -3.88 14.16 10.16
C MET A 181 -4.54 15.51 10.43
N ASP A 182 -3.74 16.57 10.50
CA ASP A 182 -4.26 17.91 10.70
CA ASP A 182 -4.27 17.91 10.70
C ASP A 182 -5.07 18.35 9.48
N ALA A 183 -4.56 18.05 8.30
CA ALA A 183 -5.25 18.39 7.07
C ALA A 183 -6.61 17.67 7.00
N PHE A 184 -6.64 16.41 7.40
CA PHE A 184 -7.88 15.63 7.37
C PHE A 184 -8.90 16.21 8.36
N ASP A 185 -8.45 16.70 9.51
CA ASP A 185 -9.34 17.39 10.45
C ASP A 185 -10.07 18.58 9.80
N CYS A 186 -9.44 19.17 8.78
CA CYS A 186 -9.96 20.34 8.10
C CYS A 186 -10.94 20.02 6.99
N LEU A 187 -11.00 18.75 6.59
CA LEU A 187 -11.87 18.37 5.47
C LEU A 187 -13.34 18.65 5.80
N PRO A 188 -14.06 19.31 4.87
CA PRO A 188 -15.51 19.45 5.05
C PRO A 188 -16.22 18.10 5.15
N LEU A 189 -17.43 18.12 5.70
CA LEU A 189 -18.16 16.90 5.99
C LEU A 189 -19.22 16.57 4.96
N ALA A 190 -19.70 17.56 4.22
CA ALA A 190 -20.84 17.36 3.32
C ALA A 190 -20.90 18.41 2.24
N ALA A 191 -21.64 18.13 1.17
CA ALA A 191 -21.94 19.15 0.18
C ALA A 191 -23.42 19.11 -0.15
N LEU A 192 -23.94 20.31 -0.42
CA LEU A 192 -25.27 20.47 -0.98
C LEU A 192 -25.04 20.80 -2.45
N MET A 193 -25.45 19.88 -3.31
CA MET A 193 -25.15 20.01 -4.72
CA MET A 193 -25.17 20.00 -4.74
C MET A 193 -26.39 20.40 -5.54
N ASN A 194 -26.28 21.50 -6.28
CA ASN A 194 -27.38 22.05 -7.07
C ASN A 194 -28.64 22.28 -6.22
N GLN A 195 -28.46 22.55 -4.94
CA GLN A 195 -29.57 22.73 -3.99
C GLN A 195 -30.55 21.55 -4.06
N GLN A 196 -30.06 20.38 -4.49
CA GLN A 196 -30.89 19.19 -4.70
C GLN A 196 -30.37 17.97 -3.95
N PHE A 197 -29.05 17.81 -3.90
CA PHE A 197 -28.47 16.57 -3.41
C PHE A 197 -27.60 16.81 -2.19
N LEU A 198 -27.85 16.03 -1.14
CA LEU A 198 -26.95 16.00 -0.01
C LEU A 198 -25.90 14.94 -0.28
N CYS A 199 -24.64 15.34 -0.25
CA CYS A 199 -23.52 14.44 -0.55
C CYS A 199 -22.69 14.28 0.71
N VAL A 200 -22.51 13.03 1.16
CA VAL A 200 -21.73 12.73 2.36
C VAL A 200 -20.99 11.41 2.12
N HIS A 201 -19.99 11.10 2.94
CA HIS A 201 -19.30 9.84 2.76
C HIS A 201 -20.17 8.63 3.14
N GLY A 202 -20.77 8.69 4.32
CA GLY A 202 -21.47 7.55 4.89
C GLY A 202 -22.98 7.70 4.77
N GLY A 203 -23.54 8.68 5.46
CA GLY A 203 -24.98 8.85 5.38
C GLY A 203 -25.57 9.67 6.50
N LEU A 204 -26.77 9.27 6.91
CA LEU A 204 -27.56 10.02 7.87
C LEU A 204 -27.26 9.64 9.31
N SER A 205 -27.90 10.36 10.22
CA SER A 205 -27.71 10.24 11.65
C SER A 205 -29.05 10.48 12.32
N PRO A 206 -29.31 9.78 13.43
CA PRO A 206 -30.52 10.15 14.18
C PRO A 206 -30.43 11.58 14.73
N GLU A 207 -29.24 12.18 14.68
CA GLU A 207 -29.04 13.54 15.19
C GLU A 207 -28.86 14.55 14.06
N ILE A 208 -29.12 14.14 12.83
CA ILE A 208 -29.09 15.06 11.71
C ILE A 208 -30.46 15.07 11.06
N ASN A 209 -31.24 16.08 11.39
CA ASN A 209 -32.62 16.16 10.93
C ASN A 209 -32.86 17.28 9.93
N THR A 210 -31.96 18.27 9.93
CA THR A 210 -31.93 19.33 8.93
C THR A 210 -30.48 19.59 8.53
N LEU A 211 -30.29 20.36 7.48
CA LEU A 211 -28.94 20.71 7.05
C LEU A 211 -28.22 21.55 8.11
N ASP A 212 -28.96 22.36 8.86
CA ASP A 212 -28.38 23.15 9.94
C ASP A 212 -27.67 22.30 10.97
N ASP A 213 -28.15 21.07 11.16
CA ASP A 213 -27.51 20.15 12.10
C ASP A 213 -26.09 19.80 11.65
N ILE A 214 -25.83 19.88 10.35
CA ILE A 214 -24.47 19.66 9.84
C ILE A 214 -23.67 20.96 10.01
N ARG A 215 -24.29 22.08 9.68
CA ARG A 215 -23.64 23.39 9.76
C ARG A 215 -23.11 23.71 11.17
N LYS A 216 -23.81 23.25 12.19
CA LYS A 216 -23.47 23.59 13.57
C LYS A 216 -22.34 22.75 14.17
N LEU A 217 -21.95 21.68 13.49
CA LEU A 217 -20.91 20.79 14.02
C LEU A 217 -19.53 21.45 14.10
N ASP A 218 -18.74 21.03 15.08
CA ASP A 218 -17.31 21.34 15.13
C ASP A 218 -16.56 20.15 14.52
N ARG A 219 -16.06 20.33 13.29
CA ARG A 219 -15.45 19.23 12.54
C ARG A 219 -13.95 19.14 12.76
N PHE A 220 -13.38 20.15 13.40
CA PHE A 220 -11.92 20.23 13.48
C PHE A 220 -11.33 19.37 14.61
N LYS A 221 -11.42 18.07 14.42
CA LYS A 221 -11.01 17.11 15.44
C LYS A 221 -10.96 15.72 14.82
N GLU A 222 -10.31 14.80 15.52
CA GLU A 222 -10.45 13.37 15.25
C GLU A 222 -11.94 13.04 15.40
N PRO A 223 -12.50 12.27 14.45
CA PRO A 223 -13.93 11.96 14.57
C PRO A 223 -14.23 11.16 15.84
N PRO A 224 -15.27 11.56 16.59
CA PRO A 224 -15.62 10.79 17.79
C PRO A 224 -16.15 9.42 17.44
N ALA A 225 -16.24 8.53 18.43
CA ALA A 225 -16.76 7.19 18.21
C ALA A 225 -18.30 7.16 18.24
N TYR A 226 -18.90 8.32 18.51
CA TYR A 226 -20.36 8.49 18.66
CA TYR A 226 -20.35 8.41 18.43
C TYR A 226 -20.80 9.83 18.17
N GLY A 227 -22.07 9.96 17.77
CA GLY A 227 -22.64 11.26 17.48
C GLY A 227 -22.72 11.57 16.01
N PRO A 228 -23.19 12.78 15.68
CA PRO A 228 -23.52 13.16 14.30
C PRO A 228 -22.32 13.18 13.36
N MET A 229 -21.17 13.65 13.81
CA MET A 229 -19.99 13.66 12.94
C MET A 229 -19.58 12.22 12.60
N CYS A 230 -19.51 11.38 13.63
CA CYS A 230 -19.28 9.95 13.44
C CYS A 230 -20.24 9.37 12.40
N ASP A 231 -21.53 9.59 12.61
CA ASP A 231 -22.56 8.99 11.75
C ASP A 231 -22.43 9.45 10.30
N ILE A 232 -22.16 10.73 10.07
CA ILE A 232 -22.01 11.22 8.70
C ILE A 232 -20.95 10.42 7.96
N LEU A 233 -19.87 10.09 8.67
CA LEU A 233 -18.76 9.39 8.05
C LEU A 233 -18.97 7.86 7.98
N TRP A 234 -19.79 7.32 8.89
CA TRP A 234 -19.77 5.88 9.15
C TRP A 234 -21.05 5.10 8.79
N SER A 235 -22.18 5.78 8.72
CA SER A 235 -23.46 5.06 8.61
C SER A 235 -23.65 4.43 7.21
N ASP A 236 -24.50 3.41 7.15
CA ASP A 236 -24.80 2.67 5.91
C ASP A 236 -26.31 2.47 5.78
N PRO A 237 -26.81 2.34 4.55
CA PRO A 237 -28.18 1.83 4.43
C PRO A 237 -28.28 0.37 4.90
N LEU A 238 -29.46 -0.01 5.37
CA LEU A 238 -29.76 -1.41 5.67
C LEU A 238 -29.48 -2.28 4.45
N GLU A 239 -29.10 -3.53 4.69
CA GLU A 239 -28.91 -4.47 3.60
C GLU A 239 -30.18 -4.60 2.77
N ASP A 240 -31.33 -4.59 3.45
CA ASP A 240 -32.62 -4.70 2.78
C ASP A 240 -33.31 -3.34 2.68
N PHE A 241 -32.51 -2.28 2.56
CA PHE A 241 -33.00 -0.94 2.30
C PHE A 241 -34.07 -0.93 1.20
N GLY A 242 -35.24 -0.38 1.51
CA GLY A 242 -36.34 -0.29 0.55
C GLY A 242 -37.31 -1.45 0.70
N ASN A 243 -36.89 -2.50 1.40
CA ASN A 243 -37.73 -3.68 1.65
C ASN A 243 -37.75 -4.08 3.11
N GLU A 244 -37.79 -3.10 3.99
CA GLU A 244 -37.70 -3.32 5.43
C GLU A 244 -38.87 -4.11 6.00
N LYS A 245 -38.58 -4.93 7.01
CA LYS A 245 -39.60 -5.75 7.66
C LYS A 245 -40.10 -5.09 8.96
N THR A 246 -39.31 -4.18 9.51
CA THR A 246 -39.75 -3.33 10.60
C THR A 246 -39.69 -1.90 10.10
N GLN A 247 -39.87 -0.92 11.00
CA GLN A 247 -39.65 0.46 10.62
C GLN A 247 -38.83 1.21 11.65
N GLU A 248 -37.80 0.55 12.17
CA GLU A 248 -36.78 1.23 12.94
C GLU A 248 -35.92 2.03 11.97
N HIS A 249 -35.99 3.35 12.07
CA HIS A 249 -35.26 4.25 11.19
C HIS A 249 -33.75 4.08 11.27
N PHE A 250 -33.25 3.99 12.50
CA PHE A 250 -31.82 3.78 12.74
C PHE A 250 -31.63 2.63 13.71
N THR A 251 -30.75 1.71 13.33
CA THR A 251 -30.42 0.58 14.19
C THR A 251 -28.90 0.48 14.25
N HIS A 252 -28.38 -0.10 15.32
CA HIS A 252 -26.94 -0.24 15.47
C HIS A 252 -26.29 -0.93 14.26
N ASN A 253 -25.19 -0.34 13.77
CA ASN A 253 -24.48 -0.90 12.63
C ASN A 253 -23.56 -2.03 13.09
N THR A 254 -24.09 -3.25 12.99
CA THR A 254 -23.38 -4.43 13.46
C THR A 254 -22.18 -4.78 12.60
N VAL A 255 -22.11 -4.22 11.39
CA VAL A 255 -20.97 -4.44 10.50
C VAL A 255 -19.80 -3.53 10.88
N ARG A 256 -20.06 -2.24 11.06
CA ARG A 256 -19.02 -1.28 11.40
C ARG A 256 -18.65 -1.36 12.89
N GLY A 257 -19.61 -1.77 13.73
CA GLY A 257 -19.39 -1.78 15.17
C GLY A 257 -19.62 -0.44 15.85
N CYS A 258 -19.94 0.57 15.04
CA CYS A 258 -20.29 1.90 15.53
C CYS A 258 -21.32 2.49 14.57
N SER A 259 -21.95 3.59 14.97
CA SER A 259 -22.92 4.28 14.15
C SER A 259 -24.10 3.37 13.81
N TYR A 260 -24.76 3.62 12.68
CA TYR A 260 -26.07 3.05 12.41
C TYR A 260 -26.24 2.53 10.99
N PHE A 261 -27.26 1.69 10.83
CA PHE A 261 -27.89 1.46 9.54
C PHE A 261 -29.09 2.38 9.49
N TYR A 262 -29.29 3.04 8.35
CA TYR A 262 -30.50 3.82 8.14
C TYR A 262 -31.44 3.16 7.13
N SER A 263 -32.73 3.39 7.33
CA SER A 263 -33.77 2.74 6.55
C SER A 263 -34.26 3.64 5.42
N TYR A 264 -35.00 3.05 4.48
CA TYR A 264 -35.60 3.81 3.39
C TYR A 264 -36.57 4.89 3.89
N PRO A 265 -37.44 4.54 4.84
CA PRO A 265 -38.31 5.57 5.43
C PRO A 265 -37.51 6.69 6.12
N ALA A 266 -36.39 6.35 6.76
CA ALA A 266 -35.53 7.36 7.36
C ALA A 266 -35.03 8.33 6.30
N VAL A 267 -34.53 7.78 5.20
CA VAL A 267 -34.01 8.64 4.12
C VAL A 267 -35.13 9.47 3.51
N CYS A 268 -36.24 8.83 3.16
CA CYS A 268 -37.35 9.54 2.52
C CYS A 268 -37.90 10.66 3.42
N GLU A 269 -38.02 10.40 4.72
CA GLU A 269 -38.52 11.42 5.63
C GLU A 269 -37.56 12.62 5.70
N PHE A 270 -36.27 12.34 5.72
CA PHE A 270 -35.26 13.39 5.71
C PHE A 270 -35.31 14.22 4.42
N LEU A 271 -35.38 13.54 3.28
CA LEU A 271 -35.42 14.22 1.99
C LEU A 271 -36.67 15.09 1.89
N GLN A 272 -37.79 14.54 2.34
CA GLN A 272 -39.08 15.20 2.26
C GLN A 272 -39.07 16.48 3.08
N HIS A 273 -38.71 16.32 4.35
CA HIS A 273 -38.60 17.41 5.31
C HIS A 273 -37.74 18.55 4.80
N ASN A 274 -36.59 18.23 4.19
CA ASN A 274 -35.60 19.23 3.80
C ASN A 274 -35.67 19.62 2.32
N ASN A 275 -36.72 19.14 1.65
CA ASN A 275 -36.93 19.37 0.23
C ASN A 275 -35.71 19.07 -0.62
N LEU A 276 -35.14 17.89 -0.40
CA LEU A 276 -34.02 17.40 -1.19
C LEU A 276 -34.48 16.25 -2.08
N LEU A 277 -33.70 16.00 -3.14
CA LEU A 277 -34.03 14.99 -4.13
C LEU A 277 -33.43 13.64 -3.79
N SER A 278 -32.17 13.63 -3.35
CA SER A 278 -31.50 12.38 -3.05
C SER A 278 -30.28 12.58 -2.18
N ILE A 279 -29.82 11.47 -1.61
CA ILE A 279 -28.55 11.43 -0.90
CA ILE A 279 -28.56 11.40 -0.89
C ILE A 279 -27.54 10.67 -1.76
N LEU A 280 -26.41 11.33 -2.03
CA LEU A 280 -25.30 10.72 -2.74
C LEU A 280 -24.20 10.42 -1.72
N ARG A 281 -23.76 9.17 -1.67
CA ARG A 281 -22.74 8.78 -0.71
C ARG A 281 -21.83 7.69 -1.28
N ALA A 282 -20.84 7.27 -0.48
CA ALA A 282 -19.86 6.29 -0.93
C ALA A 282 -19.74 5.17 0.12
N HIS A 283 -18.52 4.88 0.58
CA HIS A 283 -18.35 4.09 1.84
C HIS A 283 -18.61 2.57 1.73
N GLU A 284 -19.26 2.09 0.66
CA GLU A 284 -19.46 0.64 0.46
C GLU A 284 -19.10 0.22 -0.95
N ALA A 285 -18.25 -0.81 -1.06
CA ALA A 285 -17.86 -1.36 -2.35
C ALA A 285 -19.10 -1.80 -3.13
N GLN A 286 -19.08 -1.57 -4.44
CA GLN A 286 -20.16 -1.98 -5.30
C GLN A 286 -19.58 -2.67 -6.54
N ASP A 287 -20.10 -3.85 -6.87
CA ASP A 287 -19.61 -4.61 -8.02
C ASP A 287 -19.63 -3.77 -9.31
N ALA A 288 -20.62 -2.92 -9.45
CA ALA A 288 -20.77 -2.10 -10.66
C ALA A 288 -20.15 -0.71 -10.52
N GLY A 289 -19.61 -0.41 -9.34
CA GLY A 289 -19.08 0.91 -9.06
C GLY A 289 -20.14 1.89 -8.57
N TYR A 290 -21.40 1.45 -8.56
CA TYR A 290 -22.49 2.31 -8.10
C TYR A 290 -23.72 1.45 -7.76
N ARG A 291 -24.63 2.06 -7.01
CA ARG A 291 -25.92 1.48 -6.77
C ARG A 291 -26.95 2.59 -6.55
N MET A 292 -28.06 2.50 -7.26
CA MET A 292 -29.21 3.37 -7.03
C MET A 292 -30.25 2.57 -6.29
N TYR A 293 -30.77 3.14 -5.21
CA TYR A 293 -31.73 2.45 -4.37
C TYR A 293 -33.16 2.93 -4.66
N ARG A 294 -34.11 2.37 -3.95
CA ARG A 294 -35.53 2.57 -4.22
C ARG A 294 -35.93 4.04 -4.33
N LYS A 295 -36.75 4.34 -5.34
CA LYS A 295 -37.28 5.68 -5.51
C LYS A 295 -38.11 6.12 -4.31
N SER A 296 -37.96 7.38 -3.94
CA SER A 296 -38.75 7.97 -2.89
C SER A 296 -40.20 8.09 -3.35
N GLN A 297 -41.14 7.92 -2.45
CA GLN A 297 -42.55 8.01 -2.80
C GLN A 297 -43.04 9.44 -3.01
N THR A 298 -42.18 10.42 -2.76
CA THR A 298 -42.58 11.81 -2.98
C THR A 298 -41.85 12.49 -4.14
N THR A 299 -40.86 11.81 -4.72
CA THR A 299 -40.07 12.41 -5.81
C THR A 299 -40.02 11.58 -7.09
N GLY A 300 -40.26 10.28 -6.99
CA GLY A 300 -40.09 9.38 -8.12
C GLY A 300 -38.63 9.26 -8.57
N PHE A 301 -37.71 9.61 -7.68
CA PHE A 301 -36.29 9.57 -7.98
C PHE A 301 -35.60 8.70 -6.93
N PRO A 302 -34.52 7.98 -7.30
CA PRO A 302 -33.84 7.16 -6.29
C PRO A 302 -33.54 7.94 -5.00
N SER A 303 -33.85 7.34 -3.86
CA SER A 303 -33.71 8.03 -2.59
C SER A 303 -32.26 8.12 -2.15
N LEU A 304 -31.44 7.21 -2.67
CA LEU A 304 -30.05 7.05 -2.24
C LEU A 304 -29.26 6.56 -3.43
N ILE A 305 -28.06 7.07 -3.59
CA ILE A 305 -27.10 6.55 -4.57
C ILE A 305 -25.74 6.38 -3.91
N THR A 306 -25.16 5.19 -4.03
CA THR A 306 -23.78 4.94 -3.63
C THR A 306 -22.86 4.97 -4.85
N ILE A 307 -21.72 5.65 -4.70
CA ILE A 307 -20.70 5.74 -5.74
C ILE A 307 -19.40 5.21 -5.15
N PHE A 308 -18.72 4.36 -5.90
CA PHE A 308 -17.52 3.71 -5.42
C PHE A 308 -16.50 3.77 -6.56
N SER A 309 -15.35 4.41 -6.30
CA SER A 309 -14.46 4.81 -7.38
C SER A 309 -13.12 4.08 -7.35
N ALA A 310 -13.12 2.88 -6.77
CA ALA A 310 -11.91 2.07 -6.64
C ALA A 310 -12.11 0.74 -7.38
N PRO A 311 -11.69 0.68 -8.64
CA PRO A 311 -11.95 -0.53 -9.42
C PRO A 311 -11.05 -1.68 -8.96
N ASN A 312 -11.52 -2.91 -9.11
CA ASN A 312 -10.82 -4.08 -8.62
C ASN A 312 -10.23 -3.83 -7.24
N TYR A 313 -11.10 -3.44 -6.31
CA TYR A 313 -10.73 -3.14 -4.95
C TYR A 313 -9.93 -4.26 -4.28
N LEU A 314 -8.86 -3.87 -3.60
CA LEU A 314 -7.97 -4.81 -2.92
C LEU A 314 -7.29 -5.78 -3.90
N ASP A 315 -7.31 -5.42 -5.18
CA ASP A 315 -6.76 -6.24 -6.27
C ASP A 315 -7.49 -7.56 -6.48
N VAL A 316 -8.62 -7.77 -5.80
CA VAL A 316 -9.31 -9.04 -5.91
C VAL A 316 -10.84 -8.98 -6.03
N TYR A 317 -11.45 -7.83 -5.78
CA TYR A 317 -12.92 -7.76 -5.81
C TYR A 317 -13.44 -7.92 -7.25
N ASN A 318 -12.62 -7.53 -8.21
CA ASN A 318 -13.01 -7.53 -9.62
C ASN A 318 -14.29 -6.72 -9.85
N ASN A 319 -14.45 -5.63 -9.11
CA ASN A 319 -15.55 -4.72 -9.33
C ASN A 319 -15.17 -3.63 -10.34
N LYS A 320 -16.17 -3.12 -11.04
CA LYS A 320 -15.99 -1.87 -11.75
C LYS A 320 -16.07 -0.71 -10.77
N ALA A 321 -15.47 0.42 -11.16
CA ALA A 321 -15.62 1.68 -10.44
C ALA A 321 -16.57 2.58 -11.23
N ALA A 322 -17.03 3.66 -10.60
CA ALA A 322 -17.81 4.65 -11.31
C ALA A 322 -17.57 6.04 -10.73
N VAL A 323 -17.81 7.05 -11.55
CA VAL A 323 -18.06 8.41 -11.08
C VAL A 323 -19.42 8.83 -11.58
N LEU A 324 -19.95 9.91 -11.01
CA LEU A 324 -21.25 10.44 -11.38
C LEU A 324 -21.07 11.85 -11.88
N LYS A 325 -21.28 12.05 -13.17
CA LYS A 325 -21.12 13.36 -13.75
C LYS A 325 -22.48 14.00 -13.94
N TYR A 326 -22.73 15.06 -13.18
CA TYR A 326 -24.02 15.73 -13.22
C TYR A 326 -23.91 17.01 -14.03
N GLU A 327 -24.64 17.06 -15.14
CA GLU A 327 -24.49 18.14 -16.11
C GLU A 327 -25.70 18.18 -17.03
N ASN A 328 -26.18 19.39 -17.33
CA ASN A 328 -27.31 19.58 -18.23
C ASN A 328 -28.52 18.75 -17.83
N ASN A 329 -28.75 18.67 -16.52
CA ASN A 329 -29.87 17.92 -15.96
C ASN A 329 -29.83 16.43 -16.30
N VAL A 330 -28.63 15.91 -16.52
CA VAL A 330 -28.41 14.49 -16.75
C VAL A 330 -27.44 14.01 -15.67
N MET A 331 -27.77 12.93 -14.98
CA MET A 331 -26.81 12.27 -14.10
C MET A 331 -26.19 11.10 -14.85
N ASN A 332 -24.96 11.30 -15.31
CA ASN A 332 -24.26 10.30 -16.10
C ASN A 332 -23.31 9.49 -15.23
N ILE A 333 -23.71 8.26 -14.91
CA ILE A 333 -22.85 7.34 -14.17
C ILE A 333 -21.91 6.69 -15.16
N ARG A 334 -20.62 6.97 -14.98
CA ARG A 334 -19.59 6.53 -15.89
C ARG A 334 -18.73 5.49 -15.21
N GLN A 335 -18.80 4.27 -15.70
CA GLN A 335 -18.03 3.18 -15.11
C GLN A 335 -16.64 3.15 -15.70
N PHE A 336 -15.69 2.63 -14.93
CA PHE A 336 -14.36 2.41 -15.44
C PHE A 336 -13.70 1.20 -14.77
N ASN A 337 -12.69 0.66 -15.45
CA ASN A 337 -12.02 -0.54 -14.96
C ASN A 337 -10.62 -0.20 -14.44
N CYS A 338 -9.93 -1.20 -13.93
CA CYS A 338 -8.68 -0.97 -13.20
C CYS A 338 -7.50 -0.77 -14.14
N SER A 339 -6.43 -0.19 -13.58
CA SER A 339 -5.20 0.05 -14.32
C SER A 339 -4.03 -0.63 -13.60
N PRO A 340 -2.99 -0.99 -14.35
CA PRO A 340 -1.85 -1.63 -13.70
C PRO A 340 -1.20 -0.74 -12.64
N HIS A 341 -0.65 -1.35 -11.59
CA HIS A 341 0.10 -0.61 -10.57
C HIS A 341 1.28 -1.44 -10.07
N PRO A 342 2.31 -0.76 -9.54
CA PRO A 342 3.47 -1.50 -9.05
C PRO A 342 3.17 -2.37 -7.83
N TYR A 343 4.03 -3.36 -7.61
CA TYR A 343 3.87 -4.29 -6.50
C TYR A 343 4.66 -3.82 -5.28
N TRP A 344 4.07 -4.05 -4.10
CA TRP A 344 4.71 -3.86 -2.81
C TRP A 344 4.47 -5.11 -1.96
N LEU A 345 5.45 -5.50 -1.15
CA LEU A 345 5.18 -6.51 -0.14
C LEU A 345 4.23 -5.94 0.90
N PRO A 346 3.46 -6.82 1.56
CA PRO A 346 2.57 -6.36 2.64
C PRO A 346 3.29 -5.49 3.64
N ASN A 347 2.62 -4.43 4.08
CA ASN A 347 3.15 -3.44 5.02
C ASN A 347 4.44 -2.77 4.58
N PHE A 348 4.68 -2.72 3.27
CA PHE A 348 5.85 -2.03 2.69
C PHE A 348 7.18 -2.61 3.14
N MET A 349 7.16 -3.87 3.53
CA MET A 349 8.37 -4.55 4.00
C MET A 349 9.42 -4.59 2.90
N ASP A 350 10.67 -4.33 3.28
CA ASP A 350 11.77 -4.41 2.32
C ASP A 350 12.19 -5.88 2.17
N VAL A 351 12.90 -6.23 1.10
CA VAL A 351 13.20 -7.63 0.84
C VAL A 351 14.22 -8.24 1.80
N PHE A 352 15.02 -7.42 2.48
CA PHE A 352 15.93 -7.97 3.49
C PHE A 352 15.15 -8.43 4.73
N THR A 353 14.30 -7.55 5.25
CA THR A 353 13.45 -7.85 6.40
C THR A 353 12.56 -9.07 6.11
N TRP A 354 12.07 -9.14 4.88
CA TRP A 354 11.23 -10.25 4.43
C TRP A 354 11.97 -11.58 4.39
N SER A 355 13.16 -11.60 3.79
CA SER A 355 13.85 -12.86 3.53
C SER A 355 14.79 -13.33 4.65
N LEU A 356 15.27 -12.42 5.48
CA LEU A 356 16.26 -12.81 6.49
C LEU A 356 15.77 -13.93 7.43
N PRO A 357 14.51 -13.86 7.89
CA PRO A 357 14.08 -14.98 8.74
C PRO A 357 14.12 -16.33 8.01
N PHE A 358 13.80 -16.32 6.73
CA PHE A 358 13.83 -17.53 5.90
C PHE A 358 15.27 -18.00 5.70
N VAL A 359 16.18 -17.04 5.49
CA VAL A 359 17.58 -17.34 5.38
C VAL A 359 18.06 -18.03 6.64
N GLY A 360 17.74 -17.45 7.79
CA GLY A 360 18.18 -17.98 9.06
C GLY A 360 17.67 -19.39 9.29
N GLU A 361 16.40 -19.60 8.98
CA GLU A 361 15.76 -20.91 9.16
C GLU A 361 16.38 -21.97 8.26
N LYS A 362 16.59 -21.64 6.99
CA LYS A 362 17.10 -22.62 6.04
C LYS A 362 18.60 -22.91 6.25
N VAL A 363 19.37 -21.90 6.62
CA VAL A 363 20.79 -22.13 6.86
C VAL A 363 20.99 -22.95 8.14
N THR A 364 20.18 -22.65 9.16
CA THR A 364 20.22 -23.41 10.41
C THR A 364 19.82 -24.86 10.12
N GLU A 365 18.73 -25.00 9.38
CA GLU A 365 18.26 -26.30 8.94
C GLU A 365 19.39 -27.09 8.28
N MET A 366 20.01 -26.48 7.27
CA MET A 366 21.07 -27.15 6.54
C MET A 366 22.16 -27.66 7.47
N LEU A 367 22.65 -26.81 8.37
CA LEU A 367 23.82 -27.13 9.16
C LEU A 367 23.53 -28.13 10.27
N VAL A 368 22.37 -28.01 10.91
CA VAL A 368 21.95 -28.98 11.89
C VAL A 368 22.02 -30.37 11.26
N ASN A 369 21.54 -30.48 10.02
CA ASN A 369 21.50 -31.77 9.33
C ASN A 369 22.84 -32.21 8.79
N VAL A 370 23.66 -31.26 8.36
CA VAL A 370 25.02 -31.57 7.92
C VAL A 370 25.83 -32.11 9.10
N LEU A 371 25.57 -31.58 10.29
CA LEU A 371 26.33 -31.94 11.48
C LEU A 371 25.69 -33.10 12.23
N ASN A 372 24.43 -33.40 11.90
CA ASN A 372 23.64 -34.38 12.64
C ASN A 372 24.06 -34.47 14.11
N TYR B 7 48.17 -22.94 10.37
CA TYR B 7 47.56 -22.71 11.68
C TYR B 7 46.75 -23.91 12.13
N PRO B 8 46.80 -24.22 13.44
CA PRO B 8 45.84 -25.21 13.96
C PRO B 8 44.41 -24.67 13.83
N LEU B 9 43.46 -25.54 13.56
CA LEU B 9 42.11 -25.11 13.18
C LEU B 9 41.34 -24.45 14.32
N GLU B 10 41.70 -24.77 15.57
CA GLU B 10 41.04 -24.16 16.72
C GLU B 10 41.44 -22.69 16.86
N MET B 11 42.46 -22.29 16.11
CA MET B 11 42.89 -20.89 16.09
C MET B 11 42.31 -20.17 14.88
N CYS B 12 41.59 -20.89 14.03
CA CYS B 12 40.95 -20.31 12.86
C CYS B 12 39.43 -20.37 13.00
N SER B 13 38.96 -20.68 14.21
CA SER B 13 37.54 -20.87 14.44
C SER B 13 37.21 -20.70 15.91
N HIS B 14 35.93 -20.86 16.26
CA HIS B 14 35.51 -20.78 17.65
C HIS B 14 35.60 -22.15 18.33
N PHE B 15 36.19 -23.11 17.62
CA PHE B 15 36.18 -24.49 18.07
C PHE B 15 37.42 -24.88 18.85
N ASP B 16 37.26 -25.79 19.80
CA ASP B 16 38.39 -26.39 20.49
C ASP B 16 38.73 -27.71 19.80
N ALA B 17 39.79 -28.37 20.27
CA ALA B 17 40.30 -29.56 19.60
C ALA B 17 39.27 -30.67 19.57
N ASP B 18 38.56 -30.86 20.68
CA ASP B 18 37.51 -31.88 20.77
C ASP B 18 36.49 -31.66 19.66
N GLU B 19 36.05 -30.41 19.49
CA GLU B 19 35.05 -30.07 18.49
C GLU B 19 35.58 -30.35 17.08
N ILE B 20 36.84 -30.01 16.85
CA ILE B 20 37.45 -30.25 15.55
C ILE B 20 37.41 -31.72 15.17
N LYS B 21 37.75 -32.58 16.13
CA LYS B 21 37.77 -34.02 15.89
C LYS B 21 36.39 -34.56 15.54
N ARG B 22 35.37 -34.08 16.23
CA ARG B 22 33.99 -34.50 15.95
C ARG B 22 33.58 -34.03 14.56
N LEU B 23 33.90 -32.79 14.24
CA LEU B 23 33.57 -32.24 12.94
C LEU B 23 34.26 -33.03 11.85
N GLY B 24 35.48 -33.48 12.13
CA GLY B 24 36.21 -34.32 11.20
C GLY B 24 35.48 -35.62 10.90
N LYS B 25 34.85 -36.20 11.91
CA LYS B 25 34.16 -37.47 11.74
C LYS B 25 32.94 -37.30 10.84
N ARG B 26 32.25 -36.17 10.97
CA ARG B 26 31.12 -35.89 10.12
C ARG B 26 31.57 -35.59 8.68
N PHE B 27 32.65 -34.84 8.53
CA PHE B 27 33.19 -34.53 7.21
C PHE B 27 33.51 -35.81 6.44
N LYS B 28 34.15 -36.77 7.11
CA LYS B 28 34.52 -38.04 6.50
C LYS B 28 33.28 -38.79 6.00
N LYS B 29 32.22 -38.76 6.80
CA LYS B 29 30.96 -39.43 6.44
C LYS B 29 30.33 -38.80 5.21
N LEU B 30 30.54 -37.50 5.02
CA LEU B 30 29.94 -36.78 3.91
C LEU B 30 30.79 -36.86 2.64
N ASP B 31 32.09 -37.10 2.82
CA ASP B 31 33.03 -37.18 1.70
C ASP B 31 32.98 -38.59 1.09
N LEU B 32 32.06 -38.78 0.15
CA LEU B 32 31.75 -40.13 -0.35
C LEU B 32 32.90 -40.77 -1.13
N ASP B 33 33.73 -39.96 -1.81
CA ASP B 33 34.81 -40.52 -2.62
C ASP B 33 36.21 -40.27 -2.04
N ASN B 34 36.27 -39.97 -0.74
CA ASN B 34 37.55 -39.75 -0.05
C ASN B 34 38.47 -38.84 -0.85
N SER B 35 37.90 -37.83 -1.48
CA SER B 35 38.69 -36.87 -2.26
C SER B 35 39.33 -35.83 -1.34
N GLY B 36 38.82 -35.74 -0.11
CA GLY B 36 39.26 -34.72 0.82
C GLY B 36 38.53 -33.40 0.63
N SER B 37 37.48 -33.41 -0.19
CA SER B 37 36.66 -32.22 -0.41
C SER B 37 35.21 -32.63 -0.62
N LEU B 38 34.30 -31.76 -0.19
CA LEU B 38 32.87 -32.00 -0.39
C LEU B 38 32.37 -31.25 -1.62
N SER B 39 31.79 -32.00 -2.55
CA SER B 39 31.15 -31.41 -3.71
C SER B 39 29.71 -31.07 -3.38
N VAL B 40 29.09 -30.23 -4.19
CA VAL B 40 27.67 -29.94 -4.05
C VAL B 40 26.86 -31.25 -4.08
N GLU B 41 27.26 -32.18 -4.94
CA GLU B 41 26.53 -33.45 -5.05
C GLU B 41 26.58 -34.24 -3.75
N GLU B 42 27.69 -34.15 -3.05
CA GLU B 42 27.84 -34.87 -1.79
C GLU B 42 26.93 -34.27 -0.70
N PHE B 43 26.78 -32.94 -0.68
CA PHE B 43 25.81 -32.32 0.23
C PHE B 43 24.39 -32.75 -0.13
N MET B 44 24.10 -32.85 -1.42
CA MET B 44 22.75 -33.13 -1.88
C MET B 44 22.35 -34.57 -1.61
N SER B 45 23.31 -35.40 -1.26
CA SER B 45 23.00 -36.79 -0.96
CA SER B 45 23.03 -36.80 -0.93
C SER B 45 22.27 -36.88 0.38
N LEU B 46 22.21 -35.78 1.11
CA LEU B 46 21.44 -35.72 2.36
C LEU B 46 20.00 -35.34 2.02
N PRO B 47 19.04 -36.22 2.34
CA PRO B 47 17.64 -35.88 2.04
C PRO B 47 17.21 -34.55 2.68
N GLU B 48 17.65 -34.28 3.89
CA GLU B 48 17.21 -33.11 4.65
C GLU B 48 17.54 -31.78 3.96
N LEU B 49 18.53 -31.81 3.07
CA LEU B 49 18.95 -30.61 2.35
C LEU B 49 18.22 -30.48 1.02
N GLN B 50 17.22 -31.33 0.82
CA GLN B 50 16.55 -31.49 -0.46
C GLN B 50 15.87 -30.22 -1.01
N GLN B 51 14.85 -29.75 -0.31
CA GLN B 51 14.09 -28.59 -0.74
C GLN B 51 14.63 -27.32 -0.10
N ASN B 52 15.95 -27.19 -0.04
CA ASN B 52 16.56 -26.06 0.64
C ASN B 52 17.29 -25.14 -0.33
N PRO B 53 16.67 -24.00 -0.67
CA PRO B 53 17.21 -23.08 -1.69
C PRO B 53 18.50 -22.38 -1.25
N LEU B 54 18.85 -22.50 0.03
CA LEU B 54 20.00 -21.79 0.55
C LEU B 54 21.28 -22.64 0.42
N VAL B 55 21.14 -23.93 0.14
CA VAL B 55 22.30 -24.82 0.19
C VAL B 55 23.41 -24.31 -0.74
N GLN B 56 23.06 -24.00 -1.98
CA GLN B 56 24.09 -23.56 -2.92
CA GLN B 56 23.99 -23.49 -2.98
C GLN B 56 24.76 -22.26 -2.48
N ARG B 57 24.04 -21.37 -1.81
CA ARG B 57 24.66 -20.13 -1.31
C ARG B 57 25.65 -20.43 -0.18
N VAL B 58 25.26 -21.32 0.74
CA VAL B 58 26.12 -21.65 1.86
C VAL B 58 27.41 -22.30 1.35
N ILE B 59 27.28 -23.25 0.43
CA ILE B 59 28.45 -23.90 -0.12
C ILE B 59 29.40 -22.87 -0.75
N ASP B 60 28.84 -21.94 -1.52
CA ASP B 60 29.65 -20.91 -2.18
CA ASP B 60 29.64 -20.92 -2.18
C ASP B 60 30.38 -20.03 -1.16
N ILE B 61 29.70 -19.70 -0.07
CA ILE B 61 30.32 -18.93 0.99
C ILE B 61 31.44 -19.72 1.66
N PHE B 62 31.20 -21.00 1.94
CA PHE B 62 32.21 -21.85 2.57
C PHE B 62 33.42 -22.02 1.67
N ASP B 63 33.17 -22.06 0.36
CA ASP B 63 34.21 -22.28 -0.63
C ASP B 63 35.05 -21.02 -0.84
N THR B 64 35.96 -20.75 0.08
CA THR B 64 36.70 -19.49 0.04
C THR B 64 37.78 -19.45 -1.04
N ASP B 65 38.30 -20.59 -1.48
CA ASP B 65 39.28 -20.59 -2.58
C ASP B 65 38.61 -20.72 -3.94
N GLY B 66 37.30 -20.85 -3.95
CA GLY B 66 36.52 -20.78 -5.19
C GLY B 66 36.73 -21.92 -6.15
N ASN B 67 37.13 -23.09 -5.64
CA ASN B 67 37.33 -24.26 -6.51
C ASN B 67 36.08 -25.12 -6.63
N GLY B 68 34.97 -24.64 -6.09
CA GLY B 68 33.69 -25.32 -6.25
C GLY B 68 33.40 -26.39 -5.22
N GLU B 69 34.38 -26.70 -4.38
CA GLU B 69 34.21 -27.73 -3.36
C GLU B 69 34.68 -27.21 -2.01
N VAL B 70 34.30 -27.94 -0.96
CA VAL B 70 34.59 -27.51 0.40
C VAL B 70 35.54 -28.50 1.06
N ASP B 71 36.78 -28.07 1.29
CA ASP B 71 37.74 -28.93 1.98
C ASP B 71 37.52 -28.86 3.49
N PHE B 72 38.30 -29.60 4.28
CA PHE B 72 38.02 -29.68 5.70
C PHE B 72 38.22 -28.33 6.39
N LYS B 73 39.27 -27.60 6.03
CA LYS B 73 39.50 -26.30 6.63
C LYS B 73 38.36 -25.35 6.29
N GLU B 74 37.91 -25.35 5.04
CA GLU B 74 36.78 -24.52 4.64
C GLU B 74 35.53 -24.92 5.41
N PHE B 75 35.36 -26.23 5.63
CA PHE B 75 34.21 -26.77 6.34
C PHE B 75 34.18 -26.23 7.77
N ILE B 76 35.31 -26.37 8.46
CA ILE B 76 35.44 -25.88 9.83
C ILE B 76 35.23 -24.37 9.94
N GLU B 77 35.86 -23.62 9.05
CA GLU B 77 35.73 -22.16 9.10
C GLU B 77 34.32 -21.71 8.73
N GLY B 78 33.65 -22.47 7.85
CA GLY B 78 32.28 -22.18 7.49
C GLY B 78 31.32 -22.39 8.65
N VAL B 79 31.36 -23.59 9.23
CA VAL B 79 30.46 -23.91 10.34
C VAL B 79 30.74 -22.99 11.53
N SER B 80 31.99 -22.58 11.69
CA SER B 80 32.37 -21.70 12.80
C SER B 80 31.54 -20.41 12.82
N GLN B 81 31.15 -19.92 11.65
CA GLN B 81 30.35 -18.71 11.56
C GLN B 81 28.98 -18.86 12.23
N PHE B 82 28.66 -20.08 12.67
CA PHE B 82 27.40 -20.35 13.36
C PHE B 82 27.59 -20.89 14.75
N SER B 83 28.82 -20.80 15.25
CA SER B 83 29.05 -21.17 16.63
C SER B 83 28.23 -20.25 17.53
N VAL B 84 27.79 -20.78 18.66
CA VAL B 84 27.12 -19.96 19.66
C VAL B 84 28.09 -18.90 20.19
N LYS B 85 29.39 -19.12 19.97
CA LYS B 85 30.42 -18.20 20.43
C LYS B 85 30.73 -17.08 19.43
N GLY B 86 30.07 -17.09 18.27
CA GLY B 86 30.24 -16.03 17.30
C GLY B 86 29.45 -14.80 17.69
N ASP B 87 30.00 -13.61 17.45
CA ASP B 87 29.34 -12.38 17.88
C ASP B 87 28.34 -11.86 16.84
N LYS B 88 27.55 -10.86 17.23
CA LYS B 88 26.48 -10.36 16.38
C LYS B 88 27.03 -9.96 15.01
N GLU B 89 28.18 -9.32 15.01
CA GLU B 89 28.79 -8.82 13.79
C GLU B 89 29.10 -9.96 12.81
N GLN B 90 29.59 -11.07 13.34
CA GLN B 90 29.88 -12.23 12.50
C GLN B 90 28.60 -12.80 11.87
N LYS B 91 27.50 -12.77 12.61
CA LYS B 91 26.24 -13.27 12.06
C LYS B 91 25.72 -12.34 10.96
N LEU B 92 25.84 -11.04 11.19
CA LEU B 92 25.43 -10.06 10.20
C LEU B 92 26.31 -10.19 8.96
N ARG B 93 27.60 -10.44 9.18
CA ARG B 93 28.52 -10.61 8.05
C ARG B 93 28.12 -11.84 7.22
N PHE B 94 27.75 -12.92 7.89
CA PHE B 94 27.37 -14.12 7.14
C PHE B 94 26.08 -13.86 6.35
N ALA B 95 25.12 -13.19 6.98
CA ALA B 95 23.85 -12.91 6.31
C ALA B 95 24.12 -12.06 5.06
N PHE B 96 24.99 -11.07 5.18
CA PHE B 96 25.34 -10.23 4.04
C PHE B 96 25.92 -11.07 2.90
N ARG B 97 26.78 -12.03 3.27
CA ARG B 97 27.45 -12.88 2.31
C ARG B 97 26.48 -13.75 1.55
N ILE B 98 25.34 -14.06 2.16
CA ILE B 98 24.29 -14.80 1.45
C ILE B 98 23.88 -14.06 0.18
N TYR B 99 23.80 -12.74 0.26
CA TYR B 99 23.32 -11.95 -0.87
C TYR B 99 24.43 -11.50 -1.82
N ASP B 100 25.65 -11.37 -1.31
CA ASP B 100 26.77 -10.83 -2.09
C ASP B 100 27.42 -11.94 -2.90
N MET B 101 26.77 -12.30 -4.00
CA MET B 101 27.18 -13.46 -4.78
C MET B 101 28.62 -13.41 -5.26
N ASP B 102 29.05 -12.26 -5.80
CA ASP B 102 30.40 -12.20 -6.36
C ASP B 102 31.47 -11.83 -5.34
N LYS B 103 31.07 -11.72 -4.07
CA LYS B 103 32.02 -11.54 -2.97
C LYS B 103 32.82 -10.23 -3.05
N ASP B 104 32.30 -9.22 -3.75
CA ASP B 104 33.03 -7.96 -3.88
C ASP B 104 32.73 -6.98 -2.73
N GLY B 105 31.90 -7.40 -1.78
CA GLY B 105 31.60 -6.57 -0.62
C GLY B 105 30.43 -5.63 -0.77
N TYR B 106 29.71 -5.72 -1.89
CA TYR B 106 28.50 -4.93 -2.09
C TYR B 106 27.42 -5.83 -2.65
N ILE B 107 26.18 -5.58 -2.24
CA ILE B 107 25.06 -6.29 -2.83
C ILE B 107 24.51 -5.45 -3.96
N SER B 108 24.63 -5.97 -5.19
CA SER B 108 24.10 -5.26 -6.34
C SER B 108 22.64 -5.60 -6.57
N ASN B 109 21.99 -4.84 -7.45
CA ASN B 109 20.59 -5.06 -7.79
C ASN B 109 20.40 -6.48 -8.32
N GLY B 110 21.26 -6.86 -9.25
CA GLY B 110 21.18 -8.17 -9.86
C GLY B 110 21.37 -9.33 -8.89
N GLU B 111 22.33 -9.17 -7.97
CA GLU B 111 22.56 -10.19 -6.95
C GLU B 111 21.35 -10.33 -6.03
N LEU B 112 20.79 -9.19 -5.61
CA LEU B 112 19.67 -9.23 -4.68
C LEU B 112 18.49 -9.93 -5.35
N PHE B 113 18.28 -9.63 -6.62
CA PHE B 113 17.20 -10.27 -7.36
C PHE B 113 17.44 -11.77 -7.47
N GLN B 114 18.65 -12.15 -7.87
CA GLN B 114 18.93 -13.55 -8.12
C GLN B 114 18.84 -14.39 -6.85
N VAL B 115 19.34 -13.85 -5.75
CA VAL B 115 19.32 -14.59 -4.51
C VAL B 115 17.88 -14.69 -3.99
N LEU B 116 17.12 -13.61 -4.06
CA LEU B 116 15.71 -13.66 -3.67
CA LEU B 116 15.73 -13.69 -3.65
C LEU B 116 14.96 -14.65 -4.55
N LYS B 117 15.28 -14.66 -5.83
CA LYS B 117 14.61 -15.55 -6.76
C LYS B 117 14.88 -17.01 -6.38
N MET B 118 16.09 -17.33 -5.91
CA MET B 118 16.38 -18.68 -5.42
C MET B 118 15.41 -19.04 -4.29
N MET B 119 15.15 -18.06 -3.42
CA MET B 119 14.37 -18.31 -2.22
C MET B 119 12.88 -18.34 -2.48
N VAL B 120 12.40 -17.51 -3.43
CA VAL B 120 10.97 -17.34 -3.69
CA VAL B 120 10.97 -17.38 -3.64
C VAL B 120 10.44 -18.32 -4.73
N GLY B 121 11.32 -18.78 -5.61
CA GLY B 121 10.89 -19.62 -6.72
C GLY B 121 9.81 -18.92 -7.52
N ASN B 122 8.70 -19.62 -7.74
CA ASN B 122 7.59 -19.07 -8.51
C ASN B 122 6.53 -18.36 -7.65
N ASN B 123 6.85 -18.11 -6.37
CA ASN B 123 5.91 -17.41 -5.51
C ASN B 123 5.70 -15.93 -5.90
N LEU B 124 6.64 -15.37 -6.65
CA LEU B 124 6.47 -14.04 -7.24
C LEU B 124 6.89 -14.06 -8.70
N LYS B 125 6.19 -13.30 -9.53
CA LYS B 125 6.64 -13.11 -10.90
C LYS B 125 7.93 -12.32 -10.91
N ASP B 126 8.75 -12.47 -11.95
CA ASP B 126 10.00 -11.71 -12.04
C ASP B 126 9.75 -10.21 -11.96
N THR B 127 8.70 -9.73 -12.63
CA THR B 127 8.40 -8.31 -12.63
C THR B 127 8.08 -7.81 -11.22
N GLN B 128 7.32 -8.59 -10.45
CA GLN B 128 6.95 -8.22 -9.09
C GLN B 128 8.18 -8.18 -8.20
N LEU B 129 9.03 -9.20 -8.35
CA LEU B 129 10.23 -9.29 -7.54
C LEU B 129 11.19 -8.15 -7.85
N GLN B 130 11.36 -7.83 -9.14
CA GLN B 130 12.22 -6.72 -9.52
C GLN B 130 11.78 -5.40 -8.90
N GLN B 131 10.47 -5.15 -8.89
CA GLN B 131 9.94 -3.92 -8.32
C GLN B 131 10.28 -3.78 -6.84
N ILE B 132 10.13 -4.85 -6.08
CA ILE B 132 10.40 -4.75 -4.64
C ILE B 132 11.90 -4.74 -4.33
N VAL B 133 12.70 -5.36 -5.18
CA VAL B 133 14.14 -5.23 -5.08
C VAL B 133 14.56 -3.78 -5.32
N ASP B 134 14.02 -3.17 -6.39
CA ASP B 134 14.36 -1.78 -6.72
C ASP B 134 14.06 -0.84 -5.56
N LYS B 135 12.86 -0.94 -5.01
CA LYS B 135 12.44 -0.04 -3.93
C LYS B 135 13.17 -0.30 -2.61
N THR B 136 13.55 -1.55 -2.35
CA THR B 136 14.40 -1.83 -1.20
C THR B 136 15.74 -1.11 -1.35
N ILE B 137 16.29 -1.14 -2.56
CA ILE B 137 17.59 -0.51 -2.78
C ILE B 137 17.48 1.01 -2.73
N ILE B 138 16.46 1.58 -3.37
CA ILE B 138 16.28 3.02 -3.29
C ILE B 138 16.21 3.50 -1.84
N ASN B 139 15.50 2.78 -0.98
CA ASN B 139 15.34 3.20 0.41
C ASN B 139 16.58 2.95 1.27
N ALA B 140 17.35 1.92 0.94
CA ALA B 140 18.52 1.55 1.76
C ALA B 140 19.84 2.15 1.27
N ASP B 141 19.87 2.61 0.01
CA ASP B 141 21.09 3.11 -0.61
C ASP B 141 21.38 4.56 -0.24
N LYS B 142 22.15 4.76 0.82
CA LYS B 142 22.39 6.10 1.34
C LYS B 142 23.40 6.93 0.54
N ASP B 143 24.30 6.28 -0.19
CA ASP B 143 25.33 7.03 -0.92
C ASP B 143 25.10 7.05 -2.44
N GLY B 144 23.96 6.53 -2.88
CA GLY B 144 23.53 6.70 -4.26
C GLY B 144 24.29 5.94 -5.33
N ASP B 145 25.03 4.89 -4.95
CA ASP B 145 25.78 4.14 -5.94
C ASP B 145 24.98 2.98 -6.52
N GLY B 146 23.72 2.84 -6.10
CA GLY B 146 22.84 1.83 -6.63
C GLY B 146 23.12 0.42 -6.11
N ARG B 147 24.00 0.31 -5.13
CA ARG B 147 24.27 -0.97 -4.49
C ARG B 147 24.25 -0.81 -2.97
N ILE B 148 24.23 -1.93 -2.27
CA ILE B 148 24.07 -1.94 -0.82
C ILE B 148 25.37 -2.41 -0.15
N SER B 149 25.98 -1.50 0.58
CA SER B 149 27.19 -1.79 1.34
C SER B 149 26.86 -2.54 2.63
N PHE B 150 27.87 -3.04 3.31
CA PHE B 150 27.63 -3.72 4.57
C PHE B 150 26.95 -2.80 5.58
N GLU B 151 27.42 -1.56 5.70
CA GLU B 151 26.80 -0.62 6.62
C GLU B 151 25.34 -0.28 6.22
N GLU B 152 25.07 -0.15 4.94
CA GLU B 152 23.68 0.07 4.48
C GLU B 152 22.79 -1.12 4.84
N PHE B 153 23.30 -2.33 4.64
CA PHE B 153 22.60 -3.55 5.00
C PHE B 153 22.29 -3.58 6.49
N CYS B 154 23.30 -3.31 7.32
CA CYS B 154 23.12 -3.42 8.76
C CYS B 154 22.09 -2.41 9.24
N ALA B 155 22.01 -1.27 8.58
CA ALA B 155 21.08 -0.23 8.97
C ALA B 155 19.66 -0.72 8.76
N VAL B 156 19.47 -1.58 7.76
CA VAL B 156 18.15 -2.14 7.49
C VAL B 156 17.78 -3.24 8.49
N VAL B 157 18.71 -4.17 8.74
CA VAL B 157 18.38 -5.40 9.46
C VAL B 157 18.98 -5.52 10.86
N GLY B 158 19.78 -4.52 11.25
CA GLY B 158 20.50 -4.61 12.51
C GLY B 158 19.63 -4.88 13.72
N GLY B 159 18.41 -4.35 13.71
CA GLY B 159 17.51 -4.47 14.85
C GLY B 159 16.71 -5.76 14.89
N LEU B 160 16.68 -6.49 13.79
CA LEU B 160 15.89 -7.73 13.72
C LEU B 160 16.44 -8.83 14.63
N ASP B 161 17.73 -8.77 14.93
CA ASP B 161 18.37 -9.80 15.75
C ASP B 161 18.26 -11.17 15.07
N LYS C 9 -36.20 17.21 -12.50
CA LYS C 9 -35.76 15.86 -12.18
C LYS C 9 -34.76 15.35 -13.21
N PRO C 10 -33.53 15.04 -12.78
CA PRO C 10 -32.50 14.68 -13.74
C PRO C 10 -32.76 13.35 -14.43
N LYS C 11 -32.27 13.23 -15.66
CA LYS C 11 -32.31 11.99 -16.40
C LYS C 11 -31.09 11.16 -16.03
N ILE C 12 -31.29 9.87 -15.79
CA ILE C 12 -30.19 8.97 -15.44
C ILE C 12 -29.70 8.23 -16.68
N ILE C 13 -28.39 8.25 -16.90
CA ILE C 13 -27.77 7.55 -18.02
C ILE C 13 -26.52 6.83 -17.55
N ILE C 14 -26.41 5.54 -17.83
CA ILE C 14 -25.23 4.77 -17.45
C ILE C 14 -24.32 4.66 -18.67
N THR C 15 -23.03 4.91 -18.48
CA THR C 15 -22.03 4.66 -19.51
C THR C 15 -21.13 3.52 -19.04
N GLY C 16 -21.06 2.47 -19.84
CA GLY C 16 -20.35 1.26 -19.46
C GLY C 16 -18.86 1.27 -19.76
N CYS C 17 -18.20 0.16 -19.47
CA CYS C 17 -16.78 0.00 -19.71
C CYS C 17 -16.47 -1.48 -19.88
N GLU C 18 -15.23 -1.78 -20.25
CA GLU C 18 -14.80 -3.17 -20.41
C GLU C 18 -14.49 -3.80 -19.06
N ASP C 19 -14.32 -5.11 -19.06
CA ASP C 19 -13.94 -5.81 -17.85
C ASP C 19 -12.52 -5.45 -17.42
N ASN C 20 -12.30 -5.55 -16.11
CA ASN C 20 -10.95 -5.51 -15.56
C ASN C 20 -10.03 -6.54 -16.17
N VAL C 21 -8.77 -6.14 -16.34
CA VAL C 21 -7.70 -7.06 -16.68
C VAL C 21 -6.61 -6.84 -15.64
N TYR C 22 -6.24 -7.89 -14.92
CA TYR C 22 -5.20 -7.77 -13.91
C TYR C 22 -4.44 -9.05 -13.59
N GLU C 23 -3.24 -8.88 -13.04
CA GLU C 23 -2.42 -9.99 -12.58
C GLU C 23 -2.84 -10.43 -11.20
N LYS C 24 -2.91 -11.74 -10.99
CA LYS C 24 -3.17 -12.28 -9.66
C LYS C 24 -1.88 -12.81 -9.05
N LEU C 25 -1.71 -12.61 -7.75
CA LEU C 25 -0.53 -13.12 -7.05
C LEU C 25 -0.45 -14.62 -7.24
N PRO C 26 0.76 -15.15 -7.48
CA PRO C 26 0.85 -16.61 -7.62
C PRO C 26 0.44 -17.32 -6.34
N GLU C 27 0.03 -18.58 -6.45
CA GLU C 27 -0.21 -19.38 -5.25
C GLU C 27 1.11 -19.49 -4.51
N GLN C 28 1.06 -19.47 -3.18
CA GLN C 28 2.29 -19.45 -2.38
C GLN C 28 2.67 -20.85 -1.92
N ASN C 29 3.78 -21.33 -2.45
CA ASN C 29 4.32 -22.64 -2.09
C ASN C 29 5.11 -22.52 -0.80
N SER C 30 4.69 -23.25 0.22
CA SER C 30 5.26 -23.11 1.57
C SER C 30 6.68 -23.67 1.70
N ASN C 31 7.17 -24.34 0.66
CA ASN C 31 8.55 -24.79 0.65
C ASN C 31 9.51 -23.66 0.30
N PHE C 32 8.97 -22.55 -0.19
CA PHE C 32 9.78 -21.40 -0.57
C PHE C 32 9.38 -20.19 0.28
N LEU C 33 10.15 -19.12 0.14
CA LEU C 33 9.81 -17.88 0.80
C LEU C 33 8.45 -17.37 0.27
N CYS C 34 7.51 -17.14 1.18
CA CYS C 34 6.14 -16.78 0.81
C CYS C 34 5.81 -15.35 1.18
N VAL C 35 4.93 -14.75 0.39
CA VAL C 35 4.30 -13.50 0.77
C VAL C 35 3.17 -13.84 1.75
N LYS C 36 3.19 -13.19 2.90
CA LYS C 36 2.13 -13.40 3.87
C LYS C 36 0.80 -12.97 3.27
N LYS C 37 -0.26 -13.69 3.60
CA LYS C 37 -1.59 -13.34 3.12
C LYS C 37 -2.04 -12.08 3.83
N LEU C 38 -2.66 -11.17 3.08
CA LEU C 38 -3.11 -9.90 3.64
C LEU C 38 -4.31 -10.09 4.56
#